data_2FS5
#
_entry.id   2FS5
#
_cell.length_a   84.837
_cell.length_b   84.837
_cell.length_c   155.610
_cell.angle_alpha   90.00
_cell.angle_beta   90.00
_cell.angle_gamma   90.00
#
_symmetry.space_group_name_H-M   'P 43 21 2'
#
loop_
_entity.id
_entity.type
_entity.pdbx_description
1 polymer 'TDP-Fucosamine acetyltransferase'
2 non-polymer 'ZINC ION'
3 water water
#
_entity_poly.entity_id   1
_entity_poly.type   'polypeptide(L)'
_entity_poly.pdbx_seq_one_letter_code
;MGSSHHHHHHGSPVRASIEPLTWENAFFGVNSAIVRITSEAPLLTPDALAPWSRVQAKIAASNTGELDALQQLGFSLVEG
EVDLALPVNNVSDSGAVVAQETDIPALRQLASAAFAQSRFRAPWYAPDASGRFYAQWIENAVRGTFDHQCLILRAASGDI
RGYVSLRELNATDARIGLLAGRGAGAELMQTALNWAYARGKTTLRVATQMGNTAALKRYIQSGANVESTAYWLYR
;
_entity_poly.pdbx_strand_id   A,B
#
loop_
_chem_comp.id
_chem_comp.type
_chem_comp.name
_chem_comp.formula
ZN non-polymer 'ZINC ION' 'Zn 2'
#
# COMPACT_ATOMS: atom_id res chain seq x y z
N VAL A 14 23.81 4.08 -2.94
CA VAL A 14 23.42 3.13 -1.87
C VAL A 14 24.55 2.11 -1.59
N ARG A 15 24.68 1.72 -0.33
CA ARG A 15 25.58 0.63 0.05
C ARG A 15 24.76 -0.59 0.37
N ALA A 16 25.22 -1.76 -0.08
CA ALA A 16 24.43 -2.98 0.08
C ALA A 16 25.25 -4.24 -0.09
N SER A 17 24.96 -5.25 0.71
CA SER A 17 25.52 -6.57 0.44
C SER A 17 24.61 -7.26 -0.60
N ILE A 18 25.18 -8.23 -1.30
CA ILE A 18 24.44 -9.00 -2.28
C ILE A 18 24.63 -10.44 -1.89
N GLU A 19 23.53 -11.12 -1.59
CA GLU A 19 23.58 -12.47 -1.06
C GLU A 19 22.79 -13.38 -1.97
N PRO A 20 23.36 -14.52 -2.35
CA PRO A 20 22.64 -15.49 -3.17
C PRO A 20 21.37 -15.97 -2.49
N LEU A 21 20.29 -16.08 -3.27
CA LEU A 21 19.04 -16.64 -2.79
C LEU A 21 19.10 -18.15 -2.91
N THR A 22 19.74 -18.76 -1.92
CA THR A 22 20.07 -20.18 -1.90
C THR A 22 18.89 -21.09 -2.21
N TRP A 23 17.79 -20.90 -1.51
CA TRP A 23 16.64 -21.80 -1.66
C TRP A 23 16.00 -21.61 -3.04
N GLU A 24 15.75 -20.36 -3.41
CA GLU A 24 15.10 -20.03 -4.68
C GLU A 24 15.96 -20.45 -5.87
N ASN A 25 17.29 -20.30 -5.75
CA ASN A 25 18.20 -20.69 -6.83
C ASN A 25 18.05 -22.18 -7.17
N ALA A 26 18.07 -23.03 -6.15
CA ALA A 26 17.87 -24.44 -6.34
C ALA A 26 16.45 -24.76 -6.82
N PHE A 27 15.45 -24.07 -6.25
CA PHE A 27 14.05 -24.38 -6.56
C PHE A 27 13.62 -23.98 -7.97
N PHE A 28 14.01 -22.77 -8.39
CA PHE A 28 13.67 -22.26 -9.72
C PHE A 28 14.70 -22.63 -10.82
N GLY A 29 15.87 -23.08 -10.41
CA GLY A 29 17.01 -23.26 -11.33
C GLY A 29 17.46 -21.92 -11.87
N VAL A 30 17.75 -20.97 -10.98
CA VAL A 30 18.17 -19.61 -11.40
C VAL A 30 19.42 -19.22 -10.63
N ASN A 31 20.06 -18.13 -11.07
CA ASN A 31 21.23 -17.59 -10.39
C ASN A 31 20.91 -16.18 -9.86
N SER A 32 20.12 -16.12 -8.79
CA SER A 32 19.58 -14.87 -8.28
C SER A 32 20.17 -14.51 -6.94
N ALA A 33 20.09 -13.23 -6.61
CA ALA A 33 20.56 -12.75 -5.31
C ALA A 33 19.62 -11.67 -4.78
N ILE A 34 19.75 -11.40 -3.49
CA ILE A 34 18.99 -10.32 -2.85
C ILE A 34 19.95 -9.29 -2.27
N VAL A 35 19.56 -8.03 -2.42
CA VAL A 35 20.32 -6.90 -1.95
C VAL A 35 19.92 -6.61 -0.51
N ARG A 36 20.89 -6.39 0.36
CA ARG A 36 20.58 -5.89 1.71
C ARG A 36 21.26 -4.57 2.00
N ILE A 37 20.47 -3.50 1.97
CA ILE A 37 20.97 -2.16 2.12
C ILE A 37 21.36 -1.88 3.58
N THR A 38 22.62 -1.49 3.77
CA THR A 38 23.16 -1.12 5.08
C THR A 38 24.39 -0.21 4.92
N SER A 39 24.66 0.59 5.94
CA SER A 39 25.80 1.51 5.95
C SER A 39 27.16 0.82 5.87
N GLU A 40 27.23 -0.42 6.38
CA GLU A 40 28.52 -1.09 6.49
C GLU A 40 28.94 -1.96 5.29
N ALA A 41 28.05 -2.10 4.31
CA ALA A 41 28.32 -2.95 3.15
C ALA A 41 29.09 -2.18 2.07
N PRO A 42 29.64 -2.89 1.08
CA PRO A 42 30.29 -2.24 -0.05
C PRO A 42 29.30 -1.40 -0.86
N LEU A 43 29.81 -0.51 -1.68
CA LEU A 43 28.98 0.27 -2.58
C LEU A 43 28.29 -0.69 -3.54
N LEU A 44 27.00 -0.46 -3.75
CA LEU A 44 26.24 -1.22 -4.71
C LEU A 44 26.46 -0.60 -6.09
N THR A 45 27.15 -1.34 -6.95
CA THR A 45 27.56 -0.83 -8.26
C THR A 45 27.00 -1.74 -9.37
N PRO A 46 26.96 -1.25 -10.61
CA PRO A 46 26.61 -2.10 -11.75
C PRO A 46 27.50 -3.34 -11.83
N ASP A 47 28.77 -3.21 -11.48
CA ASP A 47 29.64 -4.38 -11.47
C ASP A 47 29.29 -5.46 -10.46
N ALA A 48 28.93 -5.04 -9.26
CA ALA A 48 28.50 -5.98 -8.24
C ALA A 48 27.22 -6.72 -8.68
N LEU A 49 26.36 -6.04 -9.43
CA LEU A 49 25.08 -6.60 -9.85
C LEU A 49 25.20 -7.50 -11.07
N ALA A 50 26.32 -7.40 -11.77
CA ALA A 50 26.45 -8.05 -13.09
C ALA A 50 26.38 -9.59 -13.10
N PRO A 51 26.99 -10.29 -12.15
CA PRO A 51 27.05 -11.75 -12.24
C PRO A 51 25.76 -12.48 -11.82
N TRP A 52 24.61 -11.84 -11.93
CA TRP A 52 23.37 -12.49 -11.49
C TRP A 52 22.32 -12.50 -12.59
N SER A 53 21.58 -13.60 -12.72
CA SER A 53 20.45 -13.64 -13.65
C SER A 53 19.28 -12.79 -13.17
N ARG A 54 19.18 -12.59 -11.87
CA ARG A 54 18.06 -11.84 -11.29
C ARG A 54 18.52 -11.28 -9.95
N VAL A 55 18.24 -10.00 -9.68
CA VAL A 55 18.53 -9.44 -8.34
C VAL A 55 17.22 -8.89 -7.75
N GLN A 56 16.96 -9.21 -6.47
CA GLN A 56 15.77 -8.71 -5.77
C GLN A 56 16.17 -7.69 -4.69
N ALA A 57 15.25 -6.79 -4.37
CA ALA A 57 15.40 -5.83 -3.27
C ALA A 57 14.03 -5.56 -2.67
N LYS A 58 13.96 -5.53 -1.36
CA LYS A 58 12.73 -5.22 -0.67
C LYS A 58 13.04 -4.02 0.21
N ILE A 59 12.36 -2.88 -0.04
CA ILE A 59 12.62 -1.68 0.72
C ILE A 59 11.36 -1.19 1.41
N ALA A 60 11.51 -0.48 2.55
CA ALA A 60 10.34 0.23 3.14
C ALA A 60 9.77 1.19 2.10
N ALA A 61 8.43 1.22 1.97
CA ALA A 61 7.78 2.12 1.02
C ALA A 61 8.06 3.59 1.35
N SER A 62 8.37 3.88 2.62
CA SER A 62 8.72 5.23 3.02
C SER A 62 10.11 5.68 2.52
N ASN A 63 10.97 4.75 2.15
CA ASN A 63 12.34 5.09 1.81
C ASN A 63 12.48 5.45 0.31
N THR A 64 12.13 6.68 -0.04
CA THR A 64 12.20 7.13 -1.41
C THR A 64 13.65 7.26 -1.87
N GLY A 65 14.55 7.57 -0.93
CA GLY A 65 15.99 7.61 -1.25
C GLY A 65 16.49 6.29 -1.80
N GLU A 66 16.11 5.18 -1.15
CA GLU A 66 16.49 3.87 -1.64
C GLU A 66 15.75 3.51 -2.92
N LEU A 67 14.49 3.89 -3.02
CA LEU A 67 13.73 3.59 -4.23
C LEU A 67 14.45 4.16 -5.47
N ASP A 68 14.84 5.44 -5.41
CA ASP A 68 15.49 6.05 -6.56
C ASP A 68 16.94 5.64 -6.79
N ALA A 69 17.66 5.29 -5.72
CA ALA A 69 18.99 4.69 -5.88
C ALA A 69 18.90 3.37 -6.65
N LEU A 70 17.90 2.54 -6.32
CA LEU A 70 17.77 1.23 -6.98
C LEU A 70 17.23 1.39 -8.40
N GLN A 71 16.29 2.31 -8.58
CA GLN A 71 15.77 2.54 -9.94
C GLN A 71 16.87 3.06 -10.86
N GLN A 72 17.74 3.92 -10.33
CA GLN A 72 18.85 4.42 -11.12
C GLN A 72 19.85 3.31 -11.49
N LEU A 73 19.91 2.25 -10.67
CA LEU A 73 20.74 1.09 -11.01
C LEU A 73 20.03 0.10 -11.92
N GLY A 74 18.81 0.41 -12.35
CA GLY A 74 18.10 -0.45 -13.30
C GLY A 74 17.03 -1.37 -12.74
N PHE A 75 16.73 -1.24 -11.45
CA PHE A 75 15.67 -2.02 -10.81
C PHE A 75 14.31 -1.46 -11.23
N SER A 76 13.28 -2.32 -11.18
CA SER A 76 11.89 -1.95 -11.47
C SER A 76 10.99 -2.48 -10.37
N LEU A 77 9.89 -1.75 -10.11
CA LEU A 77 8.85 -2.19 -9.20
C LEU A 77 8.23 -3.49 -9.68
N VAL A 78 8.08 -4.43 -8.77
CA VAL A 78 7.36 -5.65 -9.05
C VAL A 78 6.01 -5.58 -8.36
N GLU A 79 6.01 -5.23 -7.06
CA GLU A 79 4.77 -5.02 -6.33
C GLU A 79 5.02 -4.39 -4.96
N GLY A 80 3.94 -3.86 -4.39
CA GLY A 80 3.93 -3.34 -3.04
C GLY A 80 3.40 -4.42 -2.10
N GLU A 81 3.84 -4.37 -0.84
CA GLU A 81 3.41 -5.32 0.18
C GLU A 81 2.93 -4.51 1.37
N VAL A 82 1.84 -4.96 1.97
CA VAL A 82 1.36 -4.37 3.24
C VAL A 82 1.39 -5.51 4.26
N ASP A 83 2.04 -5.26 5.40
CA ASP A 83 2.02 -6.21 6.50
C ASP A 83 1.16 -5.66 7.61
N LEU A 84 0.27 -6.51 8.13
CA LEU A 84 -0.72 -6.11 9.11
C LEU A 84 -0.65 -7.01 10.33
N ALA A 85 -1.28 -6.57 11.42
CA ALA A 85 -1.30 -7.35 12.64
C ALA A 85 -2.65 -7.14 13.33
N LEU A 86 -3.13 -8.21 13.99
CA LEU A 86 -4.38 -8.19 14.75
C LEU A 86 -4.09 -8.74 16.14
N PRO A 87 -4.79 -8.22 17.16
CA PRO A 87 -4.72 -8.82 18.49
C PRO A 87 -5.47 -10.15 18.51
N VAL A 88 -4.98 -11.10 19.29
CA VAL A 88 -5.66 -12.36 19.55
C VAL A 88 -6.21 -12.31 21.00
N ASN A 89 -7.41 -12.74 21.40
CA ASN A 89 -8.77 -12.74 20.81
C ASN A 89 -9.35 -13.96 20.09
N ASN A 90 -9.40 -15.07 20.83
CA ASN A 90 -10.08 -16.30 20.41
C ASN A 90 -11.59 -16.20 20.42
N VAL A 91 -12.22 -17.10 19.67
CA VAL A 91 -13.49 -16.82 19.01
C VAL A 91 -14.16 -18.14 18.58
N SER A 92 -15.32 -18.04 17.93
CA SER A 92 -16.05 -19.20 17.43
C SER A 92 -15.13 -20.21 16.73
N ASP A 93 -15.08 -21.41 17.29
CA ASP A 93 -14.46 -22.58 16.64
C ASP A 93 -15.07 -22.69 15.26
N SER A 94 -14.23 -22.50 14.24
CA SER A 94 -14.66 -22.53 12.85
C SER A 94 -14.98 -23.94 12.37
N GLY A 95 -14.53 -24.93 13.14
CA GLY A 95 -14.62 -26.34 12.74
C GLY A 95 -13.49 -26.77 11.79
N ALA A 96 -12.55 -25.88 11.52
CA ALA A 96 -11.37 -26.24 10.69
C ALA A 96 -10.62 -27.47 11.22
N VAL A 97 -10.01 -28.23 10.32
CA VAL A 97 -9.21 -29.40 10.72
C VAL A 97 -7.79 -29.20 10.24
N VAL A 98 -6.86 -29.90 10.89
CA VAL A 98 -5.46 -29.91 10.45
C VAL A 98 -5.35 -30.73 9.16
N ALA A 99 -4.74 -30.15 8.11
CA ALA A 99 -4.60 -30.84 6.84
C ALA A 99 -3.69 -32.05 6.99
N GLN A 100 -4.00 -33.12 6.28
CA GLN A 100 -3.18 -34.35 6.34
C GLN A 100 -2.50 -34.56 5.00
N GLU A 101 -1.56 -35.50 4.94
CA GLU A 101 -0.86 -35.80 3.70
C GLU A 101 -1.76 -36.14 2.49
N THR A 102 -2.90 -36.77 2.73
CA THR A 102 -3.82 -37.08 1.64
C THR A 102 -4.44 -35.82 1.03
N ASP A 103 -4.40 -34.70 1.77
CA ASP A 103 -4.93 -33.42 1.24
C ASP A 103 -3.92 -32.66 0.35
N ILE A 104 -2.67 -33.13 0.31
CA ILE A 104 -1.62 -32.37 -0.41
C ILE A 104 -1.92 -32.15 -1.92
N PRO A 105 -2.28 -33.20 -2.68
CA PRO A 105 -2.60 -33.01 -4.10
C PRO A 105 -3.62 -31.90 -4.34
N ALA A 106 -4.74 -31.92 -3.61
CA ALA A 106 -5.79 -30.93 -3.81
C ALA A 106 -5.35 -29.53 -3.39
N LEU A 107 -4.62 -29.44 -2.27
CA LEU A 107 -4.13 -28.13 -1.79
C LEU A 107 -3.10 -27.53 -2.75
N ARG A 108 -2.22 -28.36 -3.29
CA ARG A 108 -1.25 -27.86 -4.26
C ARG A 108 -1.96 -27.27 -5.48
N GLN A 109 -2.98 -27.99 -5.95
CA GLN A 109 -3.78 -27.58 -7.10
C GLN A 109 -4.48 -26.24 -6.78
N LEU A 110 -5.10 -26.15 -5.61
CA LEU A 110 -5.76 -24.92 -5.22
C LEU A 110 -4.82 -23.72 -5.10
N ALA A 111 -3.70 -23.93 -4.39
CA ALA A 111 -2.75 -22.84 -4.09
C ALA A 111 -2.05 -22.35 -5.33
N SER A 112 -1.70 -23.26 -6.24
CA SER A 112 -0.99 -22.84 -7.46
C SER A 112 -1.86 -21.90 -8.31
N ALA A 113 -3.17 -22.14 -8.27
CA ALA A 113 -4.13 -21.30 -8.97
C ALA A 113 -4.41 -19.99 -8.24
N ALA A 114 -4.64 -20.05 -6.93
CA ALA A 114 -5.04 -18.86 -6.16
C ALA A 114 -3.93 -17.82 -6.08
N PHE A 115 -2.68 -18.28 -6.11
CA PHE A 115 -1.52 -17.41 -5.93
C PHE A 115 -0.69 -17.39 -7.20
N ALA A 116 -1.36 -17.52 -8.34
CA ALA A 116 -0.67 -17.55 -9.63
C ALA A 116 -0.05 -16.19 -9.95
N GLN A 117 -0.68 -15.12 -9.49
CA GLN A 117 -0.20 -13.74 -9.76
C GLN A 117 0.56 -13.08 -8.59
N SER A 118 1.76 -13.55 -8.36
CA SER A 118 2.55 -13.17 -7.20
C SER A 118 3.77 -12.42 -7.69
N ARG A 119 4.69 -12.12 -6.78
CA ARG A 119 5.94 -11.50 -7.15
C ARG A 119 6.87 -12.46 -7.92
N PHE A 120 6.42 -13.70 -8.12
CA PHE A 120 7.15 -14.64 -8.98
C PHE A 120 6.50 -14.77 -10.38
N ARG A 121 5.68 -13.80 -10.73
CA ARG A 121 4.96 -13.80 -12.00
C ARG A 121 5.92 -13.59 -13.16
N ALA A 122 5.51 -14.04 -14.35
CA ALA A 122 6.11 -13.59 -15.60
C ALA A 122 5.89 -12.08 -15.69
N PRO A 123 6.79 -11.33 -16.32
CA PRO A 123 7.95 -11.84 -17.05
C PRO A 123 9.22 -11.98 -16.20
N TRP A 124 9.12 -11.77 -14.89
CA TRP A 124 10.31 -11.88 -14.01
C TRP A 124 10.81 -13.31 -13.81
N TYR A 125 9.88 -14.24 -13.72
CA TYR A 125 10.18 -15.65 -13.59
C TYR A 125 9.44 -16.41 -14.68
N ALA A 126 9.79 -17.69 -14.88
CA ALA A 126 9.05 -18.56 -15.80
C ALA A 126 7.55 -18.61 -15.50
N PRO A 127 6.71 -18.82 -16.52
CA PRO A 127 5.27 -18.82 -16.32
C PRO A 127 4.81 -19.81 -15.23
N ASP A 128 5.53 -20.92 -15.04
CA ASP A 128 5.07 -21.89 -14.03
C ASP A 128 5.66 -21.69 -12.64
N ALA A 129 6.56 -20.72 -12.50
CA ALA A 129 7.31 -20.50 -11.25
C ALA A 129 6.41 -20.22 -10.06
N SER A 130 5.47 -19.29 -10.25
CA SER A 130 4.63 -18.84 -9.14
C SER A 130 3.76 -19.96 -8.62
N GLY A 131 3.13 -20.69 -9.54
CA GLY A 131 2.34 -21.90 -9.21
C GLY A 131 3.13 -22.94 -8.44
N ARG A 132 4.33 -23.28 -8.92
CA ARG A 132 5.23 -24.21 -8.24
C ARG A 132 5.55 -23.74 -6.83
N PHE A 133 5.91 -22.46 -6.69
CA PHE A 133 6.35 -21.90 -5.40
C PHE A 133 5.24 -22.03 -4.34
N TYR A 134 4.02 -21.64 -4.69
CA TYR A 134 2.92 -21.65 -3.72
C TYR A 134 2.39 -23.04 -3.43
N ALA A 135 2.46 -23.91 -4.43
CA ALA A 135 2.17 -25.34 -4.21
C ALA A 135 3.18 -25.93 -3.21
N GLN A 136 4.46 -25.59 -3.36
CA GLN A 136 5.49 -26.06 -2.42
C GLN A 136 5.25 -25.47 -1.02
N TRP A 137 4.89 -24.19 -0.97
CA TRP A 137 4.62 -23.54 0.30
C TRP A 137 3.54 -24.29 1.08
N ILE A 138 2.39 -24.52 0.45
CA ILE A 138 1.26 -25.16 1.15
C ILE A 138 1.60 -26.63 1.52
N GLU A 139 2.33 -27.32 0.64
CA GLU A 139 2.75 -28.69 0.95
C GLU A 139 3.68 -28.69 2.18
N ASN A 140 4.61 -27.75 2.22
CA ASN A 140 5.52 -27.59 3.38
C ASN A 140 4.74 -27.35 4.66
N ALA A 141 3.65 -26.59 4.59
CA ALA A 141 2.81 -26.37 5.78
C ALA A 141 2.10 -27.66 6.20
N VAL A 142 1.57 -28.42 5.25
CA VAL A 142 0.96 -29.72 5.58
C VAL A 142 2.00 -30.64 6.27
N ARG A 143 3.21 -30.69 5.74
CA ARG A 143 4.29 -31.49 6.31
C ARG A 143 5.07 -30.71 7.37
N GLY A 144 4.35 -29.88 8.13
CA GLY A 144 4.97 -29.00 9.11
C GLY A 144 5.13 -29.69 10.45
N THR A 145 4.74 -28.99 11.49
CA THR A 145 5.04 -29.34 12.88
C THR A 145 3.85 -28.80 13.68
N PHE A 146 3.78 -29.05 14.99
CA PHE A 146 2.72 -28.43 15.80
C PHE A 146 2.70 -26.89 15.70
N ASP A 147 3.81 -26.31 15.27
CA ASP A 147 3.92 -24.85 15.16
C ASP A 147 3.97 -24.34 13.72
N HIS A 148 3.58 -25.18 12.76
CA HIS A 148 3.58 -24.76 11.35
C HIS A 148 2.62 -25.70 10.66
N GLN A 149 1.40 -25.24 10.40
CA GLN A 149 0.35 -26.14 9.91
C GLN A 149 -0.47 -25.49 8.80
N CYS A 150 -1.13 -26.34 8.03
CA CYS A 150 -2.21 -25.94 7.12
C CYS A 150 -3.55 -26.40 7.72
N LEU A 151 -4.46 -25.44 7.94
CA LEU A 151 -5.79 -25.76 8.44
C LEU A 151 -6.79 -25.65 7.30
N ILE A 152 -7.77 -26.55 7.26
CA ILE A 152 -8.75 -26.64 6.20
C ILE A 152 -10.15 -26.48 6.78
N LEU A 153 -11.00 -25.72 6.08
CA LEU A 153 -12.42 -25.73 6.34
C LEU A 153 -13.07 -26.58 5.27
N ARG A 154 -13.94 -27.48 5.65
CA ARG A 154 -14.63 -28.28 4.66
C ARG A 154 -16.07 -27.86 4.44
N ALA A 155 -16.56 -28.08 3.23
CA ALA A 155 -17.99 -27.96 3.00
C ALA A 155 -18.64 -29.24 3.52
N ALA A 156 -19.97 -29.28 3.54
CA ALA A 156 -20.69 -30.46 4.00
C ALA A 156 -20.41 -31.70 3.15
N SER A 157 -20.11 -31.48 1.87
CA SER A 157 -19.65 -32.56 0.97
C SER A 157 -18.30 -33.16 1.35
N GLY A 158 -17.54 -32.49 2.20
CA GLY A 158 -16.14 -32.91 2.47
C GLY A 158 -15.09 -32.21 1.61
N ASP A 159 -15.55 -31.49 0.59
CA ASP A 159 -14.67 -30.67 -0.27
C ASP A 159 -13.97 -29.59 0.56
N ILE A 160 -12.77 -29.21 0.14
CA ILE A 160 -12.08 -28.09 0.76
C ILE A 160 -12.79 -26.81 0.36
N ARG A 161 -13.26 -26.09 1.37
CA ARG A 161 -13.88 -24.79 1.20
C ARG A 161 -12.84 -23.68 1.29
N GLY A 162 -11.85 -23.87 2.15
CA GLY A 162 -10.79 -22.90 2.29
C GLY A 162 -9.64 -23.49 3.09
N TYR A 163 -8.51 -22.80 3.06
CA TYR A 163 -7.33 -23.24 3.83
C TYR A 163 -6.55 -22.02 4.32
N VAL A 164 -5.87 -22.20 5.43
CA VAL A 164 -5.02 -21.15 5.96
C VAL A 164 -3.78 -21.82 6.53
N SER A 165 -2.60 -21.32 6.16
CA SER A 165 -1.37 -21.83 6.77
C SER A 165 -0.89 -20.87 7.84
N LEU A 166 -0.38 -21.43 8.94
CA LEU A 166 0.02 -20.67 10.12
C LEU A 166 1.40 -21.10 10.60
N ARG A 167 2.16 -20.16 11.15
CA ARG A 167 3.44 -20.48 11.79
C ARG A 167 3.67 -19.62 13.03
N GLU A 168 4.26 -20.23 14.06
CA GLU A 168 4.83 -19.47 15.16
C GLU A 168 6.03 -18.63 14.71
N LEU A 169 6.03 -17.36 15.09
CA LEU A 169 7.18 -16.50 14.86
C LEU A 169 8.09 -16.40 16.08
N ASN A 170 7.47 -16.26 17.24
CA ASN A 170 8.19 -16.00 18.50
C ASN A 170 7.21 -16.23 19.66
N ALA A 171 7.57 -15.76 20.86
CA ALA A 171 6.78 -16.08 22.06
C ALA A 171 5.39 -15.45 22.01
N THR A 172 5.26 -14.31 21.33
CA THR A 172 3.98 -13.60 21.32
C THR A 172 3.23 -13.63 19.98
N ASP A 173 3.91 -14.00 18.89
CA ASP A 173 3.35 -13.78 17.54
C ASP A 173 3.20 -15.06 16.73
N ALA A 174 2.11 -15.14 15.96
CA ALA A 174 1.98 -16.13 14.89
C ALA A 174 1.81 -15.37 13.57
N ARG A 175 2.07 -16.04 12.45
CA ARG A 175 1.89 -15.41 11.13
C ARG A 175 1.09 -16.30 10.20
N ILE A 176 0.09 -15.71 9.54
CA ILE A 176 -0.60 -16.37 8.42
C ILE A 176 0.28 -16.34 7.17
N GLY A 177 0.50 -17.51 6.60
CA GLY A 177 1.29 -17.65 5.37
C GLY A 177 0.36 -17.44 4.18
N LEU A 178 -0.43 -18.46 3.87
CA LEU A 178 -1.41 -18.41 2.78
C LEU A 178 -2.81 -18.48 3.36
N LEU A 179 -3.74 -17.73 2.79
CA LEU A 179 -5.12 -17.84 3.21
C LEU A 179 -5.96 -17.69 1.96
N ALA A 180 -6.80 -18.68 1.67
CA ALA A 180 -7.61 -18.62 0.45
C ALA A 180 -8.88 -19.46 0.61
N GLY A 181 -9.98 -19.00 0.02
CA GLY A 181 -11.23 -19.75 0.10
C GLY A 181 -12.38 -18.79 -0.17
N ARG A 182 -12.89 -18.84 -1.40
CA ARG A 182 -13.97 -17.95 -1.82
C ARG A 182 -15.13 -18.03 -0.82
N GLY A 183 -15.53 -16.89 -0.28
CA GLY A 183 -16.65 -16.81 0.66
C GLY A 183 -16.31 -17.25 2.07
N ALA A 184 -15.04 -17.53 2.35
CA ALA A 184 -14.63 -18.13 3.64
C ALA A 184 -13.62 -17.29 4.41
N GLY A 185 -13.39 -16.05 3.95
CA GLY A 185 -12.41 -15.16 4.57
C GLY A 185 -12.58 -14.98 6.08
N ALA A 186 -13.80 -14.68 6.50
CA ALA A 186 -14.09 -14.45 7.91
C ALA A 186 -13.78 -15.69 8.76
N GLU A 187 -14.24 -16.87 8.33
CA GLU A 187 -13.99 -18.10 9.08
C GLU A 187 -12.56 -18.55 9.06
N LEU A 188 -11.86 -18.23 7.96
CA LEU A 188 -10.43 -18.52 7.91
C LEU A 188 -9.66 -17.64 8.88
N MET A 189 -10.07 -16.38 9.02
CA MET A 189 -9.44 -15.50 10.03
C MET A 189 -9.72 -16.01 11.45
N GLN A 190 -10.95 -16.45 11.70
CA GLN A 190 -11.33 -17.04 13.00
C GLN A 190 -10.42 -18.23 13.31
N THR A 191 -10.28 -19.10 12.32
CA THR A 191 -9.41 -20.28 12.38
C THR A 191 -7.99 -19.92 12.79
N ALA A 192 -7.43 -18.91 12.12
CA ALA A 192 -6.09 -18.41 12.42
C ALA A 192 -6.00 -17.82 13.84
N LEU A 193 -6.99 -17.02 14.21
CA LEU A 193 -7.02 -16.47 15.59
C LEU A 193 -7.12 -17.58 16.65
N ASN A 194 -7.96 -18.59 16.41
CA ASN A 194 -8.12 -19.79 17.26
C ASN A 194 -6.76 -20.49 17.46
N TRP A 195 -6.08 -20.72 16.35
CA TRP A 195 -4.77 -21.38 16.32
C TRP A 195 -3.72 -20.61 17.11
N ALA A 196 -3.66 -19.30 16.92
CA ALA A 196 -2.73 -18.46 17.67
C ALA A 196 -3.03 -18.47 19.18
N TYR A 197 -4.31 -18.41 19.52
CA TYR A 197 -4.74 -18.37 20.91
C TYR A 197 -4.34 -19.69 21.60
N ALA A 198 -4.59 -20.81 20.92
CA ALA A 198 -4.24 -22.14 21.46
C ALA A 198 -2.76 -22.23 21.85
N ARG A 199 -1.92 -21.44 21.18
CA ARG A 199 -0.48 -21.42 21.43
C ARG A 199 -0.02 -20.26 22.29
N GLY A 200 -0.98 -19.58 22.93
CA GLY A 200 -0.62 -18.45 23.82
C GLY A 200 -0.04 -17.24 23.12
N LYS A 201 -0.41 -17.04 21.85
CA LYS A 201 0.09 -15.88 21.12
C LYS A 201 -0.85 -14.70 21.34
N THR A 202 -0.29 -13.50 21.39
CA THR A 202 -1.05 -12.28 21.59
C THR A 202 -1.33 -11.55 20.29
N THR A 203 -0.54 -11.85 19.25
CA THR A 203 -0.53 -11.07 18.01
C THR A 203 -0.52 -12.00 16.80
N LEU A 204 -1.35 -11.68 15.81
CA LEU A 204 -1.36 -12.47 14.59
C LEU A 204 -1.00 -11.53 13.45
N ARG A 205 -0.04 -11.94 12.61
CA ARG A 205 0.43 -11.10 11.53
C ARG A 205 0.07 -11.71 10.19
N VAL A 206 -0.12 -10.84 9.20
CA VAL A 206 -0.47 -11.31 7.87
C VAL A 206 -0.10 -10.19 6.89
N ALA A 207 0.64 -10.57 5.87
CA ALA A 207 1.01 -9.67 4.79
C ALA A 207 0.17 -9.98 3.55
N THR A 208 -0.08 -8.97 2.71
CA THR A 208 -0.75 -9.19 1.45
C THR A 208 -0.20 -8.19 0.42
N GLN A 209 -0.51 -8.41 -0.85
CA GLN A 209 -0.09 -7.45 -1.90
C GLN A 209 -0.86 -6.17 -1.77
N MET A 210 -0.20 -5.08 -2.12
CA MET A 210 -0.82 -3.79 -2.11
C MET A 210 -2.07 -3.74 -3.00
N GLY A 211 -2.04 -4.48 -4.11
CA GLY A 211 -3.21 -4.52 -5.00
C GLY A 211 -4.38 -5.35 -4.51
N ASN A 212 -4.20 -6.12 -3.43
CA ASN A 212 -5.25 -7.04 -2.98
C ASN A 212 -6.16 -6.31 -2.00
N THR A 213 -6.98 -5.40 -2.53
CA THR A 213 -7.90 -4.60 -1.73
C THR A 213 -8.98 -5.44 -1.05
N ALA A 214 -9.38 -6.56 -1.67
CA ALA A 214 -10.37 -7.47 -1.03
C ALA A 214 -9.78 -8.06 0.27
N ALA A 215 -8.51 -8.46 0.23
CA ALA A 215 -7.85 -9.01 1.43
C ALA A 215 -7.62 -7.93 2.48
N LEU A 216 -7.09 -6.79 2.04
CA LEU A 216 -6.96 -5.65 2.94
C LEU A 216 -8.27 -5.34 3.64
N LYS A 217 -9.38 -5.26 2.89
CA LYS A 217 -10.68 -4.95 3.51
C LYS A 217 -11.08 -5.99 4.55
N ARG A 218 -10.90 -7.26 4.20
CA ARG A 218 -11.25 -8.36 5.08
C ARG A 218 -10.43 -8.34 6.36
N TYR A 219 -9.13 -8.15 6.23
CA TYR A 219 -8.26 -8.13 7.41
C TYR A 219 -8.59 -6.98 8.35
N ILE A 220 -8.73 -5.79 7.77
CA ILE A 220 -9.14 -4.62 8.54
C ILE A 220 -10.53 -4.79 9.19
N GLN A 221 -11.49 -5.36 8.46
CA GLN A 221 -12.77 -5.72 9.09
C GLN A 221 -12.61 -6.60 10.32
N SER A 222 -11.62 -7.50 10.28
CA SER A 222 -11.35 -8.43 11.38
C SER A 222 -10.59 -7.80 12.54
N GLY A 223 -10.18 -6.53 12.39
CA GLY A 223 -9.49 -5.80 13.45
C GLY A 223 -8.01 -5.58 13.21
N ALA A 224 -7.54 -5.92 12.00
CA ALA A 224 -6.13 -5.71 11.69
C ALA A 224 -5.78 -4.23 11.48
N ASN A 225 -4.52 -3.86 11.70
CA ASN A 225 -4.05 -2.53 11.34
C ASN A 225 -2.71 -2.69 10.66
N VAL A 226 -2.29 -1.66 9.93
CA VAL A 226 -1.01 -1.71 9.22
C VAL A 226 0.20 -1.67 10.15
N GLU A 227 1.14 -2.59 9.94
CA GLU A 227 2.42 -2.56 10.66
C GLU A 227 3.57 -1.97 9.81
N SER A 228 3.63 -2.36 8.55
CA SER A 228 4.69 -1.90 7.64
C SER A 228 4.22 -1.99 6.19
N THR A 229 4.90 -1.23 5.32
CA THR A 229 4.67 -1.26 3.88
C THR A 229 6.02 -1.29 3.19
N ALA A 230 6.06 -1.99 2.05
CA ALA A 230 7.32 -2.29 1.38
C ALA A 230 7.10 -2.33 -0.12
N TYR A 231 8.19 -2.13 -0.88
CA TYR A 231 8.19 -2.43 -2.33
C TYR A 231 9.17 -3.53 -2.60
N TRP A 232 8.78 -4.48 -3.44
CA TRP A 232 9.72 -5.39 -4.05
C TRP A 232 10.16 -4.80 -5.38
N LEU A 233 11.47 -4.72 -5.58
CA LEU A 233 12.03 -4.29 -6.86
C LEU A 233 12.98 -5.36 -7.36
N TYR A 234 12.95 -5.62 -8.67
CA TYR A 234 13.87 -6.57 -9.29
C TYR A 234 14.67 -5.93 -10.41
N ARG A 235 15.80 -6.55 -10.71
CA ARG A 235 16.65 -6.25 -11.86
C ARG A 235 17.03 -7.59 -12.56
N VAL B 14 -0.74 -1.08 -24.62
CA VAL B 14 -1.62 -0.12 -23.92
C VAL B 14 -2.07 1.03 -24.85
N ARG B 15 -3.35 1.33 -24.80
CA ARG B 15 -3.92 2.48 -25.50
C ARG B 15 -4.23 3.56 -24.46
N ALA B 16 -3.83 4.79 -24.74
CA ALA B 16 -4.05 5.91 -23.82
C ALA B 16 -3.99 7.23 -24.55
N SER B 17 -4.78 8.20 -24.10
CA SER B 17 -4.61 9.57 -24.58
C SER B 17 -3.58 10.27 -23.71
N ILE B 18 -2.91 11.26 -24.28
CA ILE B 18 -1.94 12.08 -23.55
C ILE B 18 -2.54 13.47 -23.43
N GLU B 19 -2.73 13.90 -22.20
CA GLU B 19 -3.45 15.14 -21.92
C GLU B 19 -2.51 16.07 -21.14
N PRO B 20 -2.29 17.29 -21.64
CA PRO B 20 -1.43 18.25 -20.95
C PRO B 20 -1.95 18.56 -19.54
N LEU B 21 -1.06 18.65 -18.57
CA LEU B 21 -1.45 19.03 -17.21
C LEU B 21 -1.43 20.54 -17.07
N THR B 22 -2.44 21.19 -17.65
CA THR B 22 -2.47 22.65 -17.79
C THR B 22 -2.16 23.40 -16.49
N TRP B 23 -2.91 23.08 -15.44
CA TRP B 23 -2.73 23.75 -14.13
C TRP B 23 -1.32 23.56 -13.57
N GLU B 24 -0.82 22.33 -13.61
CA GLU B 24 0.51 22.02 -13.10
C GLU B 24 1.62 22.63 -13.96
N ASN B 25 1.37 22.67 -15.28
CA ASN B 25 2.32 23.31 -16.18
C ASN B 25 2.52 24.79 -15.81
N ALA B 26 1.42 25.51 -15.56
CA ALA B 26 1.47 26.92 -15.18
C ALA B 26 2.03 27.14 -13.78
N PHE B 27 1.67 26.27 -12.84
CA PHE B 27 2.13 26.40 -11.45
C PHE B 27 3.61 26.06 -11.24
N PHE B 28 4.06 24.95 -11.83
CA PHE B 28 5.45 24.51 -11.67
C PHE B 28 6.40 25.05 -12.72
N GLY B 29 5.86 25.52 -13.83
CA GLY B 29 6.67 26.00 -14.97
C GLY B 29 7.29 24.86 -15.76
N VAL B 30 6.53 23.78 -15.92
CA VAL B 30 7.01 22.59 -16.62
C VAL B 30 6.12 22.37 -17.83
N ASN B 31 6.43 21.37 -18.65
CA ASN B 31 5.56 21.00 -19.74
C ASN B 31 5.23 19.52 -19.66
N SER B 32 4.29 19.20 -18.78
CA SER B 32 3.96 17.83 -18.45
C SER B 32 2.58 17.42 -18.95
N ALA B 33 2.34 16.11 -18.94
CA ALA B 33 1.09 15.53 -19.40
C ALA B 33 0.79 14.34 -18.51
N ILE B 34 -0.46 13.89 -18.58
CA ILE B 34 -0.90 12.69 -17.90
C ILE B 34 -1.55 11.75 -18.93
N VAL B 35 -1.29 10.47 -18.75
CA VAL B 35 -1.79 9.40 -19.56
C VAL B 35 -3.23 9.03 -19.12
N ARG B 36 -4.13 8.80 -20.07
CA ARG B 36 -5.48 8.38 -19.71
C ARG B 36 -5.78 7.09 -20.45
N ILE B 37 -5.65 5.96 -19.76
CA ILE B 37 -5.79 4.65 -20.37
C ILE B 37 -7.24 4.35 -20.63
N THR B 38 -7.55 4.02 -21.89
CA THR B 38 -8.90 3.76 -22.36
C THR B 38 -8.82 2.87 -23.59
N SER B 39 -9.76 1.93 -23.70
CA SER B 39 -9.83 1.04 -24.88
C SER B 39 -9.92 1.80 -26.22
N GLU B 40 -10.53 2.99 -26.17
CA GLU B 40 -10.79 3.84 -27.34
C GLU B 40 -9.58 4.61 -27.87
N ALA B 41 -8.63 4.92 -26.99
CA ALA B 41 -7.53 5.83 -27.30
C ALA B 41 -6.53 5.27 -28.31
N PRO B 42 -5.66 6.12 -28.84
CA PRO B 42 -4.58 5.66 -29.71
C PRO B 42 -3.56 4.81 -28.94
N LEU B 43 -2.74 4.06 -29.67
CA LEU B 43 -1.64 3.30 -29.09
C LEU B 43 -0.70 4.24 -28.38
N LEU B 44 -0.36 3.90 -27.14
CA LEU B 44 0.63 4.65 -26.39
C LEU B 44 2.03 4.22 -26.86
N THR B 45 2.77 5.14 -27.47
CA THR B 45 4.07 4.80 -28.06
C THR B 45 5.16 5.69 -27.53
N PRO B 46 6.41 5.22 -27.63
CA PRO B 46 7.57 6.05 -27.33
C PRO B 46 7.55 7.41 -28.08
N ASP B 47 7.22 7.39 -29.37
CA ASP B 47 7.15 8.61 -30.19
C ASP B 47 6.20 9.62 -29.58
N ALA B 48 5.03 9.15 -29.13
CA ALA B 48 4.01 10.04 -28.58
C ALA B 48 4.43 10.64 -27.24
N LEU B 49 5.17 9.86 -26.45
CA LEU B 49 5.64 10.30 -25.13
C LEU B 49 6.87 11.20 -25.22
N ALA B 50 7.64 11.05 -26.29
CA ALA B 50 8.99 11.62 -26.38
C ALA B 50 9.17 13.13 -26.08
N PRO B 51 8.31 14.01 -26.62
CA PRO B 51 8.55 15.44 -26.48
C PRO B 51 8.21 16.04 -25.11
N TRP B 52 7.44 15.34 -24.28
CA TRP B 52 7.03 15.86 -22.99
C TRP B 52 8.17 15.80 -21.98
N SER B 53 8.35 16.87 -21.22
CA SER B 53 9.39 16.85 -20.18
C SER B 53 9.07 15.86 -19.03
N ARG B 54 7.78 15.71 -18.73
CA ARG B 54 7.31 14.77 -17.70
C ARG B 54 5.98 14.19 -18.16
N VAL B 55 5.84 12.87 -18.03
CA VAL B 55 4.54 12.23 -18.24
C VAL B 55 4.19 11.41 -16.98
N GLN B 56 2.96 11.63 -16.51
CA GLN B 56 2.45 10.99 -15.30
C GLN B 56 1.45 9.91 -15.67
N ALA B 57 1.36 8.89 -14.84
CA ALA B 57 0.34 7.85 -15.03
C ALA B 57 -0.05 7.33 -13.65
N LYS B 58 -1.34 7.11 -13.44
CA LYS B 58 -1.80 6.55 -12.17
C LYS B 58 -2.58 5.30 -12.50
N ILE B 59 -2.16 4.16 -11.96
CA ILE B 59 -2.81 2.88 -12.25
C ILE B 59 -3.17 2.15 -10.96
N ALA B 60 -4.23 1.34 -11.00
CA ALA B 60 -4.57 0.49 -9.86
C ALA B 60 -3.41 -0.46 -9.59
N ALA B 61 -3.09 -0.60 -8.31
CA ALA B 61 -1.98 -1.46 -7.90
C ALA B 61 -2.20 -2.92 -8.27
N SER B 62 -3.45 -3.32 -8.45
CA SER B 62 -3.76 -4.69 -8.86
C SER B 62 -3.46 -4.93 -10.35
N ASN B 63 -3.34 -3.85 -11.12
CA ASN B 63 -3.20 -4.03 -12.56
C ASN B 63 -1.74 -4.17 -12.99
N THR B 64 -1.21 -5.38 -12.86
CA THR B 64 0.18 -5.66 -13.18
C THR B 64 0.43 -5.64 -14.69
N GLY B 65 -0.61 -5.92 -15.49
CA GLY B 65 -0.52 -5.78 -16.94
C GLY B 65 -0.24 -4.34 -17.34
N GLU B 66 -0.93 -3.38 -16.75
CA GLU B 66 -0.63 -1.94 -17.00
C GLU B 66 0.74 -1.53 -16.48
N LEU B 67 1.10 -2.05 -15.30
CA LEU B 67 2.43 -1.80 -14.76
C LEU B 67 3.51 -2.28 -15.73
N ASP B 68 3.38 -3.52 -16.21
CA ASP B 68 4.38 -4.07 -17.14
C ASP B 68 4.41 -3.22 -18.41
N ALA B 69 3.24 -2.89 -18.93
CA ALA B 69 3.14 -2.07 -20.15
C ALA B 69 3.82 -0.71 -20.01
N LEU B 70 3.63 -0.06 -18.86
CA LEU B 70 4.21 1.26 -18.63
C LEU B 70 5.71 1.22 -18.35
N GLN B 71 6.18 0.21 -17.63
CA GLN B 71 7.61 -0.02 -17.51
C GLN B 71 8.25 -0.32 -18.86
N GLN B 72 7.51 -0.99 -19.74
CA GLN B 72 8.01 -1.23 -21.11
C GLN B 72 7.95 0.02 -22.02
N LEU B 73 7.43 1.11 -21.47
CA LEU B 73 7.49 2.44 -22.07
C LEU B 73 8.34 3.38 -21.23
N GLY B 74 9.11 2.81 -20.30
CA GLY B 74 10.10 3.55 -19.55
C GLY B 74 9.62 4.40 -18.39
N PHE B 75 8.45 4.06 -17.83
CA PHE B 75 7.95 4.77 -16.63
C PHE B 75 8.56 4.16 -15.36
N SER B 76 8.81 5.01 -14.37
CA SER B 76 9.32 4.57 -13.06
C SER B 76 8.31 4.86 -11.96
N LEU B 77 8.40 4.10 -10.87
CA LEU B 77 7.58 4.37 -9.68
C LEU B 77 7.99 5.66 -8.97
N VAL B 78 7.00 6.49 -8.66
CA VAL B 78 7.22 7.62 -7.78
C VAL B 78 6.66 7.27 -6.41
N GLU B 79 5.38 6.91 -6.33
CA GLU B 79 4.84 6.45 -5.05
C GLU B 79 3.56 5.65 -5.17
N GLY B 80 3.22 4.98 -4.08
CA GLY B 80 1.99 4.21 -3.96
C GLY B 80 1.00 5.05 -3.17
N GLU B 81 -0.27 4.91 -3.49
CA GLU B 81 -1.33 5.65 -2.82
C GLU B 81 -2.33 4.61 -2.31
N VAL B 82 -2.82 4.83 -1.10
CA VAL B 82 -3.92 4.04 -0.53
C VAL B 82 -5.04 5.02 -0.27
N ASP B 83 -6.22 4.76 -0.85
CA ASP B 83 -7.35 5.64 -0.60
C ASP B 83 -8.27 4.89 0.36
N LEU B 84 -8.68 5.57 1.44
CA LEU B 84 -9.49 4.94 2.48
C LEU B 84 -10.80 5.67 2.63
N ALA B 85 -11.76 5.03 3.32
CA ALA B 85 -13.04 5.68 3.59
C ALA B 85 -13.50 5.32 5.01
N LEU B 86 -14.06 6.31 5.69
CA LEU B 86 -14.58 6.16 7.02
C LEU B 86 -16.08 6.41 7.02
N PRO B 87 -16.83 5.55 7.67
CA PRO B 87 -18.24 5.81 7.97
C PRO B 87 -18.39 7.07 8.84
N VAL B 88 -19.36 7.91 8.48
CA VAL B 88 -19.60 9.16 9.17
C VAL B 88 -20.78 9.05 10.13
N ASN B 89 -20.53 9.38 11.41
CA ASN B 89 -21.58 9.41 12.43
C ASN B 89 -21.42 10.61 13.35
N ASN B 90 -22.36 10.78 14.29
CA ASN B 90 -22.36 11.95 15.17
C ASN B 90 -21.31 11.84 16.26
N VAL B 91 -20.10 12.30 15.96
CA VAL B 91 -19.02 12.24 16.94
C VAL B 91 -19.02 13.52 17.77
N SER B 92 -18.32 13.52 18.90
CA SER B 92 -18.37 14.72 19.74
C SER B 92 -17.68 15.91 19.05
N ASP B 93 -17.82 17.09 19.63
CA ASP B 93 -17.17 18.27 19.07
C ASP B 93 -15.72 18.30 19.53
N SER B 94 -14.80 18.61 18.61
CA SER B 94 -13.36 18.60 18.91
C SER B 94 -12.88 19.93 19.47
N GLY B 95 -13.69 20.97 19.31
CA GLY B 95 -13.26 22.33 19.68
C GLY B 95 -12.52 23.06 18.58
N ALA B 96 -12.38 22.44 17.40
CA ALA B 96 -11.68 23.04 16.26
C ALA B 96 -12.47 24.24 15.72
N VAL B 97 -11.78 25.18 15.08
CA VAL B 97 -12.41 26.39 14.54
C VAL B 97 -12.10 26.56 13.07
N VAL B 98 -12.95 27.26 12.34
CA VAL B 98 -12.74 27.50 10.91
C VAL B 98 -11.59 28.50 10.74
N ALA B 99 -10.56 28.09 10.01
CA ALA B 99 -9.43 28.95 9.73
C ALA B 99 -9.85 30.22 9.00
N GLN B 100 -9.21 31.33 9.35
CA GLN B 100 -9.52 32.64 8.77
C GLN B 100 -8.41 33.08 7.80
N GLU B 101 -8.68 34.11 7.00
CA GLU B 101 -7.69 34.70 6.10
C GLU B 101 -6.38 35.05 6.82
N THR B 102 -6.48 35.48 8.07
CA THR B 102 -5.29 35.82 8.87
C THR B 102 -4.44 34.61 9.25
N ASP B 103 -5.04 33.41 9.17
CA ASP B 103 -4.33 32.15 9.47
C ASP B 103 -3.50 31.64 8.29
N ILE B 104 -3.77 32.16 7.10
CA ILE B 104 -3.07 31.70 5.88
C ILE B 104 -1.53 31.68 6.00
N PRO B 105 -0.87 32.79 6.37
CA PRO B 105 0.58 32.77 6.48
C PRO B 105 1.11 31.65 7.36
N ALA B 106 0.45 31.39 8.49
CA ALA B 106 0.93 30.35 9.40
C ALA B 106 0.68 28.96 8.83
N LEU B 107 -0.46 28.79 8.17
CA LEU B 107 -0.83 27.50 7.58
C LEU B 107 0.07 27.14 6.38
N ARG B 108 0.32 28.11 5.50
CA ARG B 108 1.24 27.92 4.36
C ARG B 108 2.62 27.45 4.80
N GLN B 109 3.14 28.01 5.88
CA GLN B 109 4.45 27.63 6.40
C GLN B 109 4.43 26.21 7.00
N LEU B 110 3.39 25.91 7.77
CA LEU B 110 3.19 24.57 8.32
C LEU B 110 3.08 23.53 7.22
N ALA B 111 2.22 23.80 6.24
CA ALA B 111 1.95 22.85 5.14
C ALA B 111 3.17 22.62 4.26
N SER B 112 3.90 23.69 3.95
CA SER B 112 5.06 23.55 3.07
C SER B 112 6.13 22.64 3.70
N ALA B 113 6.28 22.73 5.02
CA ALA B 113 7.22 21.87 5.74
C ALA B 113 6.71 20.43 5.89
N ALA B 114 5.42 20.27 6.18
CA ALA B 114 4.87 18.95 6.50
C ALA B 114 4.58 18.11 5.25
N PHE B 115 4.44 18.78 4.12
CA PHE B 115 4.17 18.08 2.87
C PHE B 115 5.25 18.31 1.80
N ALA B 116 6.51 18.28 2.22
CA ALA B 116 7.64 18.46 1.31
C ALA B 116 7.94 17.17 0.53
N GLN B 117 7.54 16.03 1.08
CA GLN B 117 7.86 14.76 0.42
C GLN B 117 6.65 14.07 -0.25
N SER B 118 5.91 14.84 -1.02
CA SER B 118 4.78 14.31 -1.79
C SER B 118 5.28 13.65 -3.08
N ARG B 119 4.36 13.32 -3.99
CA ARG B 119 4.77 12.85 -5.33
C ARG B 119 5.31 14.00 -6.17
N PHE B 120 5.33 15.21 -5.60
CA PHE B 120 5.97 16.35 -6.28
C PHE B 120 7.39 16.62 -5.78
N ARG B 121 7.96 15.62 -5.12
CA ARG B 121 9.27 15.71 -4.52
C ARG B 121 10.41 15.65 -5.55
N ALA B 122 11.61 16.01 -5.10
CA ALA B 122 12.82 15.72 -5.85
C ALA B 122 12.97 14.20 -5.94
N PRO B 123 13.49 13.66 -7.04
CA PRO B 123 14.11 14.44 -8.13
C PRO B 123 13.17 14.85 -9.25
N TRP B 124 11.89 14.49 -9.14
CA TRP B 124 10.93 14.61 -10.25
C TRP B 124 10.51 16.06 -10.50
N TYR B 125 10.50 16.83 -9.41
CA TYR B 125 10.21 18.26 -9.45
C TYR B 125 11.30 18.96 -8.66
N ALA B 126 11.32 20.29 -8.74
CA ALA B 126 12.33 21.09 -8.07
C ALA B 126 12.14 20.98 -6.55
N PRO B 127 13.22 21.12 -5.78
CA PRO B 127 13.18 20.97 -4.33
C PRO B 127 12.08 21.78 -3.63
N ASP B 128 11.82 23.00 -4.10
CA ASP B 128 10.77 23.85 -3.49
C ASP B 128 9.34 23.52 -3.93
N ALA B 129 9.19 22.70 -4.97
CA ALA B 129 7.91 22.48 -5.63
C ALA B 129 6.81 21.89 -4.74
N SER B 130 7.14 20.85 -3.98
CA SER B 130 6.14 20.18 -3.13
C SER B 130 5.54 21.14 -2.09
N GLY B 131 6.41 21.85 -1.36
CA GLY B 131 6.00 22.85 -0.37
C GLY B 131 5.19 24.01 -0.95
N ARG B 132 5.60 24.50 -2.11
CA ARG B 132 4.80 25.48 -2.83
C ARG B 132 3.41 24.94 -3.15
N PHE B 133 3.36 23.71 -3.69
CA PHE B 133 2.09 23.09 -4.06
C PHE B 133 1.12 22.97 -2.86
N TYR B 134 1.63 22.46 -1.74
CA TYR B 134 0.78 22.23 -0.58
C TYR B 134 0.45 23.50 0.22
N ALA B 135 1.34 24.51 0.14
CA ALA B 135 1.04 25.82 0.74
C ALA B 135 -0.11 26.48 -0.02
N GLN B 136 -0.10 26.33 -1.33
CA GLN B 136 -1.17 26.84 -2.16
C GLN B 136 -2.47 26.09 -1.88
N TRP B 137 -2.35 24.77 -1.72
CA TRP B 137 -3.49 23.91 -1.41
C TRP B 137 -4.21 24.37 -0.13
N ILE B 138 -3.44 24.53 0.95
CA ILE B 138 -4.03 24.92 2.25
C ILE B 138 -4.62 26.35 2.18
N GLU B 139 -3.94 27.23 1.45
CA GLU B 139 -4.45 28.58 1.21
C GLU B 139 -5.78 28.54 0.48
N ASN B 140 -5.85 27.73 -0.57
CA ASN B 140 -7.08 27.55 -1.34
C ASN B 140 -8.21 27.02 -0.46
N ALA B 141 -7.88 26.15 0.49
CA ALA B 141 -8.87 25.59 1.42
C ALA B 141 -9.51 26.66 2.31
N VAL B 142 -8.67 27.52 2.87
CA VAL B 142 -9.11 28.66 3.69
C VAL B 142 -10.03 29.59 2.91
N ARG B 143 -9.68 29.84 1.65
CA ARG B 143 -10.43 30.75 0.79
C ARG B 143 -11.65 30.09 0.14
N GLY B 144 -11.90 28.83 0.49
CA GLY B 144 -13.03 28.08 -0.06
C GLY B 144 -14.39 28.50 0.45
N THR B 145 -15.43 27.72 0.11
CA THR B 145 -16.81 28.01 0.51
C THR B 145 -17.12 27.43 1.90
N PHE B 146 -18.39 27.08 2.14
CA PHE B 146 -18.85 26.41 3.35
C PHE B 146 -18.61 24.92 3.16
N ASP B 147 -18.30 24.57 1.91
CA ASP B 147 -18.07 23.19 1.48
C ASP B 147 -16.62 22.95 1.07
N HIS B 148 -15.75 23.86 1.50
CA HIS B 148 -14.31 23.73 1.40
C HIS B 148 -13.71 24.66 2.42
N GLN B 149 -13.19 24.07 3.49
CA GLN B 149 -12.67 24.83 4.60
C GLN B 149 -11.40 24.19 5.11
N CYS B 150 -10.64 24.97 5.86
CA CYS B 150 -9.58 24.42 6.67
C CYS B 150 -10.00 24.64 8.12
N LEU B 151 -9.90 23.59 8.93
CA LEU B 151 -10.26 23.68 10.34
C LEU B 151 -8.98 23.57 11.14
N ILE B 152 -8.87 24.29 12.24
CA ILE B 152 -7.64 24.28 13.03
C ILE B 152 -7.86 24.04 14.51
N LEU B 153 -6.87 23.42 15.15
CA LEU B 153 -6.80 23.30 16.60
C LEU B 153 -5.64 24.18 17.09
N ARG B 154 -5.88 24.89 18.19
CA ARG B 154 -4.87 25.78 18.74
C ARG B 154 -4.38 25.26 20.07
N ALA B 155 -3.07 25.42 20.31
CA ALA B 155 -2.50 25.13 21.62
C ALA B 155 -2.87 26.29 22.56
N ALA B 156 -2.55 26.16 23.84
CA ALA B 156 -2.80 27.22 24.83
C ALA B 156 -2.24 28.58 24.39
N SER B 157 -1.05 28.56 23.78
CA SER B 157 -0.36 29.77 23.33
C SER B 157 -1.04 30.51 22.18
N GLY B 158 -2.10 29.92 21.62
CA GLY B 158 -2.76 30.48 20.45
C GLY B 158 -2.18 29.94 19.15
N ASP B 159 -1.04 29.25 19.26
CA ASP B 159 -0.38 28.65 18.10
C ASP B 159 -1.20 27.50 17.52
N ILE B 160 -1.15 27.37 16.19
CA ILE B 160 -1.81 26.27 15.50
C ILE B 160 -1.15 24.94 15.89
N ARG B 161 -1.97 24.01 16.38
CA ARG B 161 -1.51 22.72 16.89
C ARG B 161 -1.78 21.62 15.86
N GLY B 162 -2.75 21.86 14.98
CA GLY B 162 -3.14 20.89 13.96
C GLY B 162 -4.09 21.55 13.00
N TYR B 163 -4.22 20.98 11.80
CA TYR B 163 -5.15 21.50 10.79
C TYR B 163 -5.64 20.37 9.90
N VAL B 164 -6.81 20.56 9.32
CA VAL B 164 -7.38 19.60 8.38
C VAL B 164 -8.23 20.37 7.38
N SER B 165 -8.03 20.09 6.10
CA SER B 165 -8.82 20.68 5.05
C SER B 165 -9.80 19.66 4.51
N LEU B 166 -11.00 20.12 4.19
CA LEU B 166 -12.14 19.26 3.88
C LEU B 166 -12.89 19.81 2.70
N ARG B 167 -13.43 18.92 1.89
CA ARG B 167 -14.34 19.35 0.85
C ARG B 167 -15.48 18.37 0.66
N GLU B 168 -16.65 18.88 0.26
CA GLU B 168 -17.73 18.00 -0.17
C GLU B 168 -17.41 17.47 -1.55
N LEU B 169 -17.67 16.18 -1.76
CA LEU B 169 -17.44 15.55 -3.05
C LEU B 169 -18.72 15.42 -3.83
N ASN B 170 -19.76 14.94 -3.14
CA ASN B 170 -21.06 14.72 -3.73
C ASN B 170 -22.06 14.62 -2.61
N ALA B 171 -23.23 14.03 -2.90
CA ALA B 171 -24.34 14.02 -1.93
C ALA B 171 -24.02 13.22 -0.65
N THR B 172 -23.19 12.19 -0.77
CA THR B 172 -22.92 11.29 0.37
C THR B 172 -21.50 11.38 0.92
N ASP B 173 -20.58 11.98 0.15
CA ASP B 173 -19.15 11.92 0.45
C ASP B 173 -18.50 13.27 0.72
N ALA B 174 -17.60 13.27 1.69
CA ALA B 174 -16.62 14.34 1.84
C ALA B 174 -15.22 13.73 1.70
N ARG B 175 -14.22 14.59 1.56
CA ARG B 175 -12.83 14.14 1.43
C ARG B 175 -11.93 15.07 2.23
N ILE B 176 -11.03 14.47 2.99
CA ILE B 176 -9.95 15.17 3.65
C ILE B 176 -8.89 15.47 2.60
N GLY B 177 -8.43 16.73 2.57
CA GLY B 177 -7.37 17.15 1.66
C GLY B 177 -6.03 16.98 2.31
N LEU B 178 -5.78 17.80 3.33
CA LEU B 178 -4.55 17.79 4.10
C LEU B 178 -4.91 17.60 5.58
N LEU B 179 -4.09 16.84 6.29
CA LEU B 179 -4.24 16.65 7.74
C LEU B 179 -2.87 16.51 8.35
N ALA B 180 -2.53 17.40 9.28
CA ALA B 180 -1.24 17.36 9.96
C ALA B 180 -1.38 17.98 11.32
N GLY B 181 -0.47 17.62 12.22
CA GLY B 181 -0.40 18.19 13.56
C GLY B 181 0.02 17.11 14.53
N ARG B 182 1.22 17.26 15.08
CA ARG B 182 1.77 16.24 15.97
C ARG B 182 0.90 16.10 17.21
N GLY B 183 0.55 14.85 17.55
CA GLY B 183 -0.38 14.54 18.64
C GLY B 183 -1.82 15.00 18.47
N ALA B 184 -2.17 15.55 17.30
CA ALA B 184 -3.53 16.04 17.09
C ALA B 184 -4.33 15.17 16.12
N GLY B 185 -3.77 14.03 15.74
CA GLY B 185 -4.38 13.11 14.76
C GLY B 185 -5.82 12.71 15.08
N ALA B 186 -6.00 12.09 16.24
CA ALA B 186 -7.32 11.65 16.71
C ALA B 186 -8.35 12.80 16.70
N GLU B 187 -7.96 13.94 17.26
CA GLU B 187 -8.83 15.10 17.32
C GLU B 187 -9.18 15.60 15.93
N LEU B 188 -8.20 15.59 15.02
CA LEU B 188 -8.42 16.11 13.67
C LEU B 188 -9.35 15.20 12.89
N MET B 189 -9.21 13.89 13.09
CA MET B 189 -10.17 12.97 12.49
C MET B 189 -11.58 13.22 13.01
N GLN B 190 -11.72 13.36 14.32
CA GLN B 190 -13.03 13.67 14.92
C GLN B 190 -13.59 14.96 14.31
N THR B 191 -12.72 15.96 14.18
CA THR B 191 -13.10 17.23 13.54
C THR B 191 -13.68 17.00 12.14
N ALA B 192 -12.99 16.19 11.35
CA ALA B 192 -13.36 15.94 9.98
C ALA B 192 -14.66 15.16 9.89
N LEU B 193 -14.83 14.15 10.77
CA LEU B 193 -16.07 13.39 10.82
C LEU B 193 -17.27 14.27 11.21
N ASN B 194 -17.06 15.14 12.18
CA ASN B 194 -18.09 16.08 12.63
C ASN B 194 -18.52 17.02 11.50
N TRP B 195 -17.55 17.52 10.75
CA TRP B 195 -17.78 18.40 9.58
C TRP B 195 -18.63 17.71 8.52
N ALA B 196 -18.28 16.45 8.23
CA ALA B 196 -19.00 15.65 7.27
C ALA B 196 -20.43 15.34 7.75
N TYR B 197 -20.54 14.95 9.01
CA TYR B 197 -21.84 14.69 9.63
C TYR B 197 -22.78 15.89 9.45
N ALA B 198 -22.25 17.06 9.83
CA ALA B 198 -23.00 18.31 9.81
C ALA B 198 -23.54 18.63 8.41
N ARG B 199 -22.86 18.12 7.38
CA ARG B 199 -23.26 18.34 5.99
C ARG B 199 -23.98 17.16 5.37
N GLY B 200 -24.49 16.25 6.21
CA GLY B 200 -25.32 15.14 5.75
C GLY B 200 -24.61 14.06 4.95
N LYS B 201 -23.29 13.92 5.13
CA LYS B 201 -22.53 12.89 4.41
C LYS B 201 -22.50 11.57 5.17
N THR B 202 -22.41 10.44 4.47
CA THR B 202 -22.29 9.13 5.13
C THR B 202 -20.85 8.63 5.15
N THR B 203 -19.99 9.27 4.35
CA THR B 203 -18.69 8.71 3.96
C THR B 203 -17.65 9.80 3.90
N LEU B 204 -16.53 9.56 4.56
CA LEU B 204 -15.42 10.49 4.54
C LEU B 204 -14.23 9.76 3.97
N ARG B 205 -13.67 10.34 2.90
CA ARG B 205 -12.59 9.70 2.16
C ARG B 205 -11.30 10.42 2.45
N VAL B 206 -10.22 9.66 2.49
CA VAL B 206 -8.90 10.23 2.69
C VAL B 206 -7.84 9.36 2.02
N ALA B 207 -6.98 9.97 1.20
CA ALA B 207 -5.87 9.24 0.58
C ALA B 207 -4.57 9.54 1.32
N THR B 208 -3.67 8.57 1.31
CA THR B 208 -2.35 8.78 1.88
C THR B 208 -1.32 7.98 1.09
N GLN B 209 -0.05 8.29 1.30
CA GLN B 209 1.02 7.58 0.64
C GLN B 209 1.19 6.22 1.28
N MET B 210 1.57 5.25 0.46
CA MET B 210 1.77 3.90 0.92
C MET B 210 2.81 3.86 2.03
N GLY B 211 3.85 4.71 1.93
CA GLY B 211 4.88 4.74 2.95
C GLY B 211 4.52 5.39 4.28
N ASN B 212 3.37 6.07 4.34
CA ASN B 212 2.97 6.83 5.53
C ASN B 212 2.21 5.90 6.48
N THR B 213 2.94 4.99 7.12
CA THR B 213 2.30 4.01 8.01
C THR B 213 1.68 4.67 9.22
N ALA B 214 2.23 5.80 9.66
CA ALA B 214 1.65 6.50 10.82
C ALA B 214 0.24 7.00 10.49
N ALA B 215 0.05 7.58 9.30
CA ALA B 215 -1.28 8.02 8.87
C ALA B 215 -2.22 6.85 8.64
N LEU B 216 -1.75 5.81 7.98
CA LEU B 216 -2.55 4.61 7.81
C LEU B 216 -3.09 4.07 9.13
N LYS B 217 -2.19 3.92 10.11
CA LYS B 217 -2.59 3.38 11.41
C LYS B 217 -3.65 4.26 12.07
N ARG B 218 -3.47 5.56 12.01
CA ARG B 218 -4.41 6.51 12.63
C ARG B 218 -5.77 6.49 11.94
N TYR B 219 -5.77 6.49 10.60
CA TYR B 219 -7.04 6.41 9.89
C TYR B 219 -7.79 5.12 10.23
N ILE B 220 -7.08 4.00 10.19
CA ILE B 220 -7.69 2.70 10.51
C ILE B 220 -8.21 2.62 11.96
N GLN B 221 -7.44 3.16 12.91
CA GLN B 221 -7.88 3.31 14.32
C GLN B 221 -9.20 4.07 14.46
N SER B 222 -9.41 5.03 13.56
CA SER B 222 -10.63 5.84 13.56
C SER B 222 -11.80 5.22 12.80
N GLY B 223 -11.59 4.03 12.25
CA GLY B 223 -12.67 3.33 11.56
C GLY B 223 -12.53 3.24 10.05
N ALA B 224 -11.39 3.68 9.51
CA ALA B 224 -11.20 3.63 8.05
C ALA B 224 -11.00 2.22 7.55
N ASN B 225 -11.42 1.98 6.31
CA ASN B 225 -11.03 0.78 5.59
C ASN B 225 -10.57 1.17 4.19
N VAL B 226 -9.82 0.27 3.53
CA VAL B 226 -9.24 0.57 2.21
C VAL B 226 -10.29 0.53 1.14
N GLU B 227 -10.31 1.55 0.29
CA GLU B 227 -11.18 1.57 -0.89
C GLU B 227 -10.42 1.22 -2.18
N SER B 228 -9.25 1.81 -2.35
CA SER B 228 -8.46 1.53 -3.54
C SER B 228 -6.98 1.71 -3.28
N THR B 229 -6.15 1.12 -4.14
CA THR B 229 -4.70 1.33 -4.06
C THR B 229 -4.20 1.59 -5.46
N ALA B 230 -3.16 2.40 -5.58
CA ALA B 230 -2.70 2.85 -6.88
C ALA B 230 -1.21 3.13 -6.85
N TYR B 231 -0.59 3.09 -8.02
CA TYR B 231 0.75 3.58 -8.21
C TYR B 231 0.74 4.81 -9.10
N TRP B 232 1.52 5.81 -8.71
CA TRP B 232 1.90 6.94 -9.56
C TRP B 232 3.23 6.58 -10.20
N LEU B 233 3.26 6.55 -11.54
CA LEU B 233 4.50 6.31 -12.30
C LEU B 233 4.76 7.51 -13.18
N TYR B 234 6.03 7.93 -13.27
CA TYR B 234 6.40 9.07 -14.13
C TYR B 234 7.46 8.64 -15.13
N ARG B 235 7.53 9.35 -16.24
CA ARG B 235 8.52 9.08 -17.27
C ARG B 235 9.33 10.30 -17.49
ZN ZN C . 14.87 2.62 -15.05
#